data_2R5O
#
_entry.id   2R5O
#
_cell.length_a   106.081
_cell.length_b   106.081
_cell.length_c   70.351
_cell.angle_alpha   90.000
_cell.angle_beta   90.000
_cell.angle_gamma   90.000
#
_symmetry.space_group_name_H-M   'P 42 21 2'
#
loop_
_entity.id
_entity.type
_entity.pdbx_description
1 polymer 'Putative ATP binding component of ABC-transporter'
2 non-polymer 'CHLORIDE ION'
3 non-polymer 'SODIUM ION'
4 non-polymer 'TETRAETHYLENE GLYCOL'
5 water water
#
_entity_poly.entity_id   1
_entity_poly.type   'polypeptide(L)'
_entity_poly.pdbx_seq_one_letter_code
;MHHHHHHHHHHISSASGESQMSLDEIEDVYHTRPGYRPEEYRWGQGGAKIIDYHIQSAGVDFPPSLTGNQQTDFLMKVVF
EYDFDCVVPGILIKTLDGLFLYGTNSFLASEGRENISVSRGDVRVFKFSLPVDLNSGDYLLSFGISAGNPQTDMTPLDRR
YDSIILHVTKSMDFWGVIDLKSSFTSYQ
;
_entity_poly.pdbx_strand_id   A,B
#
# COMPACT_ATOMS: atom_id res chain seq x y z
N MET A 21 -1.86 -29.19 -0.21
CA MET A 21 -0.61 -29.78 0.36
C MET A 21 -0.95 -30.88 1.37
N SER A 22 -0.36 -32.05 1.17
CA SER A 22 -0.64 -33.22 2.00
C SER A 22 -0.02 -33.14 3.40
N LEU A 23 -0.85 -33.28 4.43
CA LEU A 23 -0.38 -33.33 5.82
C LEU A 23 0.35 -34.62 6.15
N ASP A 24 0.19 -35.64 5.31
CA ASP A 24 0.84 -36.93 5.53
C ASP A 24 2.22 -37.04 4.85
N GLU A 25 2.73 -35.95 4.31
CA GLU A 25 4.04 -35.92 3.67
C GLU A 25 4.93 -34.87 4.35
N ILE A 26 6.14 -35.28 4.72
CA ILE A 26 7.04 -34.37 5.44
C ILE A 26 8.33 -34.02 4.70
N GLU A 27 8.45 -34.43 3.44
CA GLU A 27 9.64 -34.13 2.62
C GLU A 27 9.70 -32.62 2.37
N ASP A 28 10.90 -32.05 2.39
CA ASP A 28 11.09 -30.62 2.16
C ASP A 28 11.12 -30.38 0.64
N VAL A 29 9.94 -30.13 0.07
CA VAL A 29 9.78 -29.92 -1.37
C VAL A 29 9.59 -28.45 -1.76
N TYR A 30 9.79 -27.56 -0.81
CA TYR A 30 9.65 -26.12 -1.00
C TYR A 30 10.39 -25.63 -2.24
N HIS A 31 11.61 -26.11 -2.39
CA HIS A 31 12.51 -25.67 -3.46
C HIS A 31 12.01 -26.08 -4.85
N THR A 32 11.01 -26.98 -4.93
CA THR A 32 10.52 -27.46 -6.23
C THR A 32 9.36 -26.64 -6.79
N ARG A 33 8.85 -25.67 -6.04
CA ARG A 33 7.60 -25.00 -6.40
C ARG A 33 7.81 -23.78 -7.31
N PRO A 34 6.79 -23.40 -8.06
CA PRO A 34 6.89 -22.23 -8.90
C PRO A 34 7.21 -20.98 -8.07
N GLY A 35 8.13 -20.17 -8.57
CA GLY A 35 8.54 -18.95 -7.93
C GLY A 35 9.65 -19.11 -6.91
N TYR A 36 10.07 -20.34 -6.60
CA TYR A 36 11.11 -20.52 -5.61
C TYR A 36 12.40 -19.86 -6.08
N ARG A 37 13.09 -19.18 -5.17
CA ARG A 37 14.35 -18.54 -5.45
C ARG A 37 15.51 -19.32 -4.84
N PRO A 38 16.41 -19.85 -5.68
CA PRO A 38 17.64 -20.42 -5.12
C PRO A 38 18.49 -19.43 -4.33
N GLU A 39 18.23 -18.14 -4.53
CA GLU A 39 18.87 -17.05 -3.80
C GLU A 39 18.33 -16.85 -2.39
N GLU A 40 17.38 -17.67 -1.98
CA GLU A 40 16.89 -17.61 -0.59
C GLU A 40 17.99 -17.57 0.43
N TYR A 41 17.74 -16.89 1.53
CA TYR A 41 18.60 -17.00 2.70
C TYR A 41 17.82 -17.66 3.83
N ARG A 42 17.99 -18.97 3.99
CA ARG A 42 17.32 -19.73 4.99
C ARG A 42 18.13 -19.74 6.27
N TRP A 43 17.48 -19.49 7.40
CA TRP A 43 18.14 -19.43 8.69
C TRP A 43 17.16 -19.85 9.76
N GLY A 44 17.66 -20.04 10.97
CA GLY A 44 16.80 -20.41 12.09
C GLY A 44 17.51 -21.33 13.06
N GLN A 45 16.91 -21.50 14.23
CA GLN A 45 17.48 -22.37 15.26
C GLN A 45 17.11 -23.81 15.08
N GLY A 46 16.16 -24.14 14.23
CA GLY A 46 15.69 -25.51 14.10
C GLY A 46 14.55 -25.82 15.04
N GLY A 47 14.04 -27.02 14.96
CA GLY A 47 12.91 -27.46 15.77
C GLY A 47 11.61 -27.54 15.00
N ALA A 48 11.58 -26.92 13.82
CA ALA A 48 10.49 -27.05 12.86
C ALA A 48 11.07 -26.71 11.51
N LYS A 49 10.40 -27.15 10.47
CA LYS A 49 10.82 -26.91 9.09
C LYS A 49 9.62 -26.52 8.25
N ILE A 50 9.76 -25.42 7.49
CA ILE A 50 8.78 -25.07 6.49
C ILE A 50 9.11 -25.92 5.27
N ILE A 51 8.29 -26.92 4.98
CA ILE A 51 8.62 -27.94 3.98
C ILE A 51 7.91 -27.77 2.63
N ASP A 52 6.93 -26.86 2.57
CA ASP A 52 6.23 -26.64 1.31
C ASP A 52 5.49 -25.31 1.40
N TYR A 53 5.09 -24.79 0.24
CA TYR A 53 4.19 -23.64 0.17
C TYR A 53 3.27 -23.77 -1.02
N HIS A 54 2.25 -22.94 -1.00
CA HIS A 54 1.30 -22.88 -2.10
C HIS A 54 0.81 -21.45 -2.23
N ILE A 55 0.62 -20.98 -3.45
CA ILE A 55 0.04 -19.69 -3.72
C ILE A 55 -1.12 -19.87 -4.66
N GLN A 56 -2.22 -19.21 -4.36
CA GLN A 56 -3.43 -19.30 -5.19
C GLN A 56 -4.14 -17.98 -5.21
N SER A 57 -4.74 -17.62 -6.34
CA SER A 57 -5.52 -16.41 -6.39
C SER A 57 -6.66 -16.60 -7.39
N ALA A 58 -7.87 -16.22 -6.99
CA ALA A 58 -9.08 -16.34 -7.81
C ALA A 58 -9.27 -17.79 -8.22
N GLY A 59 -8.87 -18.69 -7.33
CA GLY A 59 -9.01 -20.12 -7.58
C GLY A 59 -7.95 -20.76 -8.45
N VAL A 60 -7.03 -19.95 -8.98
CA VAL A 60 -5.96 -20.42 -9.83
C VAL A 60 -4.76 -20.75 -8.96
N ASP A 61 -4.28 -21.98 -9.06
CA ASP A 61 -3.09 -22.42 -8.36
C ASP A 61 -1.81 -21.96 -9.07
N PHE A 62 -0.87 -21.40 -8.32
CA PHE A 62 0.41 -20.95 -8.84
C PHE A 62 0.23 -20.19 -10.15
N PRO A 63 -0.57 -19.10 -10.12
CA PRO A 63 -0.70 -18.29 -11.34
C PRO A 63 0.67 -17.68 -11.69
N PRO A 64 0.90 -17.33 -12.96
CA PRO A 64 2.21 -16.80 -13.33
C PRO A 64 2.45 -15.38 -12.83
N SER A 65 1.41 -14.67 -12.47
CA SER A 65 1.52 -13.40 -11.79
C SER A 65 0.29 -13.20 -10.94
N LEU A 66 0.35 -12.18 -10.10
CA LEU A 66 -0.75 -11.75 -9.23
C LEU A 66 -1.28 -10.43 -9.77
N THR A 67 -2.61 -10.34 -9.95
CA THR A 67 -3.27 -9.12 -10.42
C THR A 67 -3.27 -8.11 -9.29
N GLY A 68 -2.86 -6.88 -9.61
CA GLY A 68 -2.90 -5.80 -8.63
C GLY A 68 -4.28 -5.68 -8.00
N ASN A 69 -4.31 -5.61 -6.67
CA ASN A 69 -5.53 -5.45 -5.84
C ASN A 69 -6.31 -6.70 -5.59
N GLN A 70 -5.90 -7.81 -6.20
CA GLN A 70 -6.65 -9.06 -6.04
C GLN A 70 -6.25 -9.82 -4.77
N GLN A 71 -7.23 -10.37 -4.08
CA GLN A 71 -7.00 -11.27 -2.92
C GLN A 71 -6.19 -12.51 -3.35
N THR A 72 -5.10 -12.76 -2.65
CA THR A 72 -4.20 -13.90 -2.90
C THR A 72 -3.98 -14.65 -1.60
N ASP A 73 -3.97 -15.97 -1.69
CA ASP A 73 -3.69 -16.84 -0.55
C ASP A 73 -2.25 -17.32 -0.62
N PHE A 74 -1.54 -17.15 0.50
CA PHE A 74 -0.15 -17.55 0.66
C PHE A 74 -0.13 -18.59 1.77
N LEU A 75 0.10 -19.84 1.42
CA LEU A 75 0.04 -20.97 2.36
C LEU A 75 1.42 -21.55 2.57
N MET A 76 1.72 -21.92 3.81
CA MET A 76 2.97 -22.57 4.15
C MET A 76 2.68 -23.82 4.98
N LYS A 77 3.42 -24.90 4.72
CA LYS A 77 3.28 -26.16 5.45
C LYS A 77 4.52 -26.37 6.29
N VAL A 78 4.31 -26.72 7.56
CA VAL A 78 5.38 -26.86 8.55
C VAL A 78 5.29 -28.19 9.25
N VAL A 79 6.43 -28.85 9.44
CA VAL A 79 6.53 -30.02 10.32
C VAL A 79 7.28 -29.61 11.59
N PHE A 80 6.71 -29.97 12.75
CA PHE A 80 7.27 -29.62 14.05
C PHE A 80 7.97 -30.82 14.67
N GLU A 81 9.20 -30.59 15.13
CA GLU A 81 10.03 -31.66 15.71
C GLU A 81 9.84 -31.79 17.23
N TYR A 82 9.24 -30.79 17.86
CA TYR A 82 9.01 -30.76 19.30
C TYR A 82 7.60 -30.24 19.58
N ASP A 83 7.12 -30.45 20.80
CA ASP A 83 5.94 -29.72 21.30
C ASP A 83 6.29 -28.24 21.42
N PHE A 84 5.36 -27.36 21.06
CA PHE A 84 5.47 -25.93 21.31
C PHE A 84 4.10 -25.42 21.76
N ASP A 85 4.07 -24.54 22.76
CA ASP A 85 2.82 -23.94 23.23
C ASP A 85 2.26 -22.83 22.34
N CYS A 86 3.13 -22.11 21.62
CA CYS A 86 2.72 -20.94 20.85
C CYS A 86 3.59 -20.74 19.61
N VAL A 87 3.13 -21.24 18.48
CA VAL A 87 3.90 -21.12 17.24
C VAL A 87 3.32 -19.96 16.43
N VAL A 88 4.19 -19.26 15.73
CA VAL A 88 3.85 -18.00 15.11
C VAL A 88 4.45 -17.98 13.71
N PRO A 89 3.64 -18.35 12.71
CA PRO A 89 4.04 -18.20 11.32
C PRO A 89 4.02 -16.74 10.91
N GLY A 90 4.81 -16.38 9.91
CA GLY A 90 4.82 -15.01 9.43
C GLY A 90 5.25 -14.90 8.00
N ILE A 91 5.03 -13.72 7.46
CA ILE A 91 5.41 -13.39 6.10
C ILE A 91 6.06 -12.00 6.05
N LEU A 92 6.92 -11.81 5.04
CA LEU A 92 7.53 -10.52 4.69
C LEU A 92 7.43 -10.37 3.17
N ILE A 93 7.17 -9.15 2.72
CA ILE A 93 7.14 -8.80 1.30
C ILE A 93 8.02 -7.56 1.13
N LYS A 94 8.94 -7.64 0.17
CA LYS A 94 9.92 -6.59 -0.07
C LYS A 94 10.05 -6.35 -1.57
N THR A 95 10.51 -5.16 -1.94
CA THR A 95 10.89 -4.91 -3.33
C THR A 95 12.24 -5.56 -3.60
N LEU A 96 12.66 -5.58 -4.86
CA LEU A 96 13.99 -6.08 -5.24
C LEU A 96 15.13 -5.28 -4.66
N ASP A 97 14.95 -3.96 -4.48
CA ASP A 97 16.01 -3.12 -3.90
C ASP A 97 15.96 -3.00 -2.37
N GLY A 98 15.11 -3.81 -1.74
CA GLY A 98 15.14 -4.03 -0.31
C GLY A 98 14.18 -3.21 0.49
N LEU A 99 13.25 -2.50 -0.18
CA LEU A 99 12.24 -1.74 0.54
C LEU A 99 11.26 -2.73 1.18
N PHE A 100 11.08 -2.58 2.49
CA PHE A 100 10.22 -3.48 3.24
C PHE A 100 8.82 -2.96 3.10
N LEU A 101 8.01 -3.71 2.35
CA LEU A 101 6.64 -3.28 2.02
C LEU A 101 5.63 -3.67 3.05
N TYR A 102 5.68 -4.92 3.52
CA TYR A 102 4.68 -5.41 4.47
C TYR A 102 5.21 -6.63 5.17
N GLY A 103 4.98 -6.72 6.47
CA GLY A 103 5.24 -7.92 7.22
C GLY A 103 4.20 -8.09 8.30
N THR A 104 3.93 -9.35 8.60
CA THR A 104 3.01 -9.67 9.68
C THR A 104 3.28 -11.09 10.14
N ASN A 105 2.53 -11.49 11.16
CA ASN A 105 2.57 -12.85 11.62
C ASN A 105 1.18 -13.21 12.15
N SER A 106 0.98 -14.44 12.60
CA SER A 106 -0.32 -14.88 13.02
C SER A 106 -0.90 -14.00 14.12
N PHE A 107 -0.03 -13.62 15.06
CA PHE A 107 -0.44 -12.82 16.20
C PHE A 107 -0.87 -11.40 15.79
N LEU A 108 -0.03 -10.74 15.01
CA LEU A 108 -0.36 -9.38 14.54
C LEU A 108 -1.55 -9.38 13.60
N ALA A 109 -1.56 -10.27 12.61
CA ALA A 109 -2.60 -10.24 11.58
C ALA A 109 -3.97 -10.47 12.17
N SER A 110 -4.05 -11.31 13.20
CA SER A 110 -5.29 -11.65 13.85
C SER A 110 -5.57 -10.79 15.08
N GLU A 111 -4.78 -9.76 15.29
CA GLU A 111 -4.99 -8.81 16.41
C GLU A 111 -5.03 -9.52 17.75
N GLY A 112 -4.23 -10.58 17.86
CA GLY A 112 -4.14 -11.35 19.09
C GLY A 112 -5.12 -12.50 19.23
N ARG A 113 -5.96 -12.74 18.23
CA ARG A 113 -6.95 -13.83 18.31
C ARG A 113 -6.29 -15.20 18.36
N GLU A 114 -5.33 -15.42 17.46
CA GLU A 114 -4.75 -16.74 17.25
C GLU A 114 -3.70 -17.08 18.28
N ASN A 115 -3.86 -18.26 18.88
CA ASN A 115 -2.78 -18.91 19.64
C ASN A 115 -2.74 -20.36 19.22
N ILE A 116 -1.60 -20.79 18.69
CA ILE A 116 -1.45 -22.08 18.05
C ILE A 116 -0.45 -22.95 18.80
N SER A 117 -0.92 -24.07 19.32
CA SER A 117 -0.05 -25.05 19.98
C SER A 117 0.07 -26.27 19.08
N VAL A 118 1.21 -26.93 19.15
CA VAL A 118 1.51 -28.10 18.34
C VAL A 118 2.20 -29.16 19.19
N SER A 119 2.10 -30.40 18.74
CA SER A 119 2.83 -31.52 19.33
C SER A 119 3.93 -31.99 18.38
N ARG A 120 4.95 -32.61 18.96
CA ARG A 120 6.03 -33.23 18.22
C ARG A 120 5.46 -34.10 17.10
N GLY A 121 5.98 -33.92 15.89
CA GLY A 121 5.53 -34.66 14.72
C GLY A 121 4.40 -34.04 13.93
N ASP A 122 3.73 -33.04 14.50
CA ASP A 122 2.60 -32.45 13.82
C ASP A 122 3.01 -31.76 12.51
N VAL A 123 2.11 -31.83 11.54
CA VAL A 123 2.24 -31.13 10.26
C VAL A 123 1.05 -30.21 10.18
N ARG A 124 1.31 -28.92 9.94
CA ARG A 124 0.26 -27.90 9.91
C ARG A 124 0.43 -27.01 8.69
N VAL A 125 -0.69 -26.51 8.19
CA VAL A 125 -0.70 -25.53 7.14
C VAL A 125 -1.26 -24.22 7.71
N PHE A 126 -0.61 -23.13 7.32
CA PHE A 126 -1.01 -21.78 7.71
C PHE A 126 -1.22 -20.94 6.49
N LYS A 127 -2.27 -20.11 6.51
CA LYS A 127 -2.65 -19.33 5.35
C LYS A 127 -2.75 -17.86 5.68
N PHE A 128 -2.06 -17.03 4.90
CA PHE A 128 -2.20 -15.56 4.95
C PHE A 128 -2.90 -15.17 3.65
N SER A 129 -4.01 -14.46 3.75
CA SER A 129 -4.77 -14.05 2.58
C SER A 129 -4.80 -12.51 2.57
N LEU A 130 -4.41 -11.90 1.47
CA LEU A 130 -4.33 -10.47 1.41
C LEU A 130 -4.47 -9.99 -0.02
N PRO A 131 -4.96 -8.75 -0.16
CA PRO A 131 -5.04 -8.13 -1.47
C PRO A 131 -3.68 -7.59 -1.86
N VAL A 132 -3.20 -7.96 -3.04
CA VAL A 132 -1.85 -7.59 -3.41
C VAL A 132 -1.88 -6.16 -4.00
N ASP A 133 -1.95 -5.20 -3.07
CA ASP A 133 -2.17 -3.76 -3.39
C ASP A 133 -0.81 -3.06 -3.73
N LEU A 134 -0.18 -3.57 -4.79
CA LEU A 134 1.15 -3.20 -5.25
C LEU A 134 1.11 -2.89 -6.73
N ASN A 135 2.07 -2.08 -7.18
CA ASN A 135 2.14 -1.74 -8.59
C ASN A 135 2.76 -2.90 -9.37
N SER A 136 2.66 -2.84 -10.69
CA SER A 136 3.30 -3.87 -11.52
C SER A 136 4.77 -3.97 -11.16
N GLY A 137 5.31 -5.19 -11.16
CA GLY A 137 6.72 -5.40 -10.89
C GLY A 137 6.96 -6.70 -10.16
N ASP A 138 8.17 -6.90 -9.67
CA ASP A 138 8.61 -8.13 -9.01
C ASP A 138 8.88 -7.82 -7.53
N TYR A 139 8.51 -8.77 -6.67
CA TYR A 139 8.64 -8.60 -5.24
C TYR A 139 9.17 -9.91 -4.65
N LEU A 140 9.71 -9.81 -3.45
CA LEU A 140 10.30 -10.91 -2.74
C LEU A 140 9.50 -11.27 -1.52
N LEU A 141 9.10 -12.53 -1.43
CA LEU A 141 8.30 -13.06 -0.33
C LEU A 141 9.16 -13.94 0.55
N SER A 142 8.93 -13.82 1.85
CA SER A 142 9.51 -14.69 2.89
C SER A 142 8.39 -15.37 3.68
N PHE A 143 8.61 -16.64 4.03
CA PHE A 143 7.77 -17.36 4.98
C PHE A 143 8.65 -17.73 6.16
N GLY A 144 8.17 -17.58 7.38
CA GLY A 144 8.90 -17.96 8.58
C GLY A 144 8.01 -18.63 9.60
N ILE A 145 8.63 -19.43 10.47
CA ILE A 145 7.95 -20.02 11.64
C ILE A 145 8.84 -19.81 12.87
N SER A 146 8.23 -19.31 13.94
CA SER A 146 8.88 -19.02 15.20
C SER A 146 8.02 -19.54 16.32
N ALA A 147 8.55 -19.54 17.53
CA ALA A 147 7.77 -19.98 18.69
C ALA A 147 8.11 -19.18 19.92
N GLY A 148 7.11 -18.94 20.75
CA GLY A 148 7.30 -18.29 22.05
C GLY A 148 6.27 -17.20 22.32
N ASN A 149 6.72 -16.13 22.98
CA ASN A 149 5.90 -14.95 23.25
C ASN A 149 6.22 -13.90 22.19
N PRO A 150 5.28 -13.62 21.27
CA PRO A 150 5.63 -12.80 20.07
C PRO A 150 6.23 -11.39 20.32
N GLN A 151 5.84 -10.78 21.41
CA GLN A 151 6.26 -9.42 21.73
C GLN A 151 7.69 -9.34 22.29
N THR A 152 8.12 -10.41 22.94
CA THR A 152 9.23 -10.32 23.87
C THR A 152 10.22 -11.47 23.83
N ASP A 153 9.82 -12.65 23.35
CA ASP A 153 10.69 -13.84 23.50
C ASP A 153 10.27 -14.91 22.50
N MET A 154 10.70 -14.73 21.27
CA MET A 154 10.33 -15.62 20.18
C MET A 154 11.57 -16.17 19.54
N THR A 155 11.62 -17.49 19.45
CA THR A 155 12.73 -18.18 18.86
C THR A 155 12.40 -18.44 17.39
N PRO A 156 13.29 -18.01 16.48
CA PRO A 156 13.07 -18.30 15.06
C PRO A 156 13.42 -19.76 14.80
N LEU A 157 12.51 -20.51 14.23
CA LEU A 157 12.71 -21.95 14.03
C LEU A 157 13.21 -22.23 12.62
N ASP A 158 12.49 -21.74 11.63
CA ASP A 158 12.89 -21.86 10.22
C ASP A 158 12.39 -20.62 9.52
N ARG A 159 13.28 -19.88 8.88
CA ARG A 159 12.98 -18.57 8.30
C ARG A 159 13.48 -18.61 6.88
N ARG A 160 12.58 -18.61 5.92
CA ARG A 160 12.92 -18.78 4.50
C ARG A 160 12.86 -17.41 3.83
N TYR A 161 13.91 -16.64 4.08
CA TYR A 161 13.90 -15.21 3.78
C TYR A 161 14.20 -14.99 2.30
N ASP A 162 13.39 -14.12 1.68
CA ASP A 162 13.49 -13.76 0.27
C ASP A 162 13.56 -15.01 -0.58
N SER A 163 12.65 -15.94 -0.30
CA SER A 163 12.70 -17.26 -0.90
C SER A 163 11.77 -17.49 -2.07
N ILE A 164 10.88 -16.55 -2.35
CA ILE A 164 9.93 -16.69 -3.43
C ILE A 164 9.84 -15.37 -4.19
N ILE A 165 9.85 -15.43 -5.52
CA ILE A 165 9.65 -14.22 -6.35
C ILE A 165 8.18 -14.17 -6.74
N LEU A 166 7.58 -12.99 -6.58
CA LEU A 166 6.22 -12.68 -6.99
C LEU A 166 6.25 -11.68 -8.13
N HIS A 167 5.42 -11.92 -9.13
CA HIS A 167 5.23 -11.01 -10.26
C HIS A 167 3.85 -10.43 -10.15
N VAL A 168 3.72 -9.11 -10.23
CA VAL A 168 2.41 -8.43 -10.18
C VAL A 168 2.18 -7.78 -11.52
N THR A 169 0.98 -7.97 -12.03
CA THR A 169 0.53 -7.38 -13.29
C THR A 169 -0.71 -6.48 -13.10
N LYS A 170 -0.79 -5.44 -13.93
CA LYS A 170 -1.91 -4.51 -14.01
C LYS A 170 -2.01 -4.02 -15.45
N SER A 171 -3.16 -3.43 -15.79
CA SER A 171 -3.32 -2.78 -17.09
C SER A 171 -2.76 -1.36 -17.07
N MET A 172 -3.16 -0.58 -16.06
CA MET A 172 -2.68 0.80 -15.95
C MET A 172 -2.00 1.02 -14.61
N ASP A 173 -0.70 1.24 -14.67
CA ASP A 173 0.08 1.52 -13.46
C ASP A 173 -0.27 2.91 -12.90
N PHE A 174 -0.20 3.04 -11.57
CA PHE A 174 -0.25 4.30 -10.90
C PHE A 174 1.24 4.69 -10.69
N TRP A 175 1.51 5.79 -10.01
CA TRP A 175 2.90 6.20 -9.74
C TRP A 175 3.30 5.64 -8.39
N GLY A 176 4.44 4.97 -8.36
CA GLY A 176 4.97 4.48 -7.13
C GLY A 176 4.87 2.99 -7.03
N VAL A 177 4.75 2.53 -5.81
CA VAL A 177 4.87 1.11 -5.54
C VAL A 177 3.68 0.51 -4.82
N ILE A 178 3.03 1.30 -3.97
CA ILE A 178 1.92 0.79 -3.16
C ILE A 178 0.62 1.44 -3.57
N ASP A 179 -0.44 0.65 -3.61
CA ASP A 179 -1.74 1.14 -4.04
C ASP A 179 -2.60 1.48 -2.82
N LEU A 180 -2.78 2.77 -2.56
CA LEU A 180 -3.65 3.22 -1.47
C LEU A 180 -5.13 3.30 -1.89
N LYS A 181 -5.45 3.03 -3.15
CA LYS A 181 -6.84 2.81 -3.59
C LYS A 181 -7.73 4.02 -3.36
N SER A 182 -7.27 5.19 -3.74
CA SER A 182 -8.05 6.38 -3.54
C SER A 182 -9.31 6.38 -4.37
N SER A 183 -10.39 6.92 -3.80
CA SER A 183 -11.56 7.32 -4.56
C SER A 183 -11.43 8.78 -4.95
N PHE A 184 -12.33 9.27 -5.80
CA PHE A 184 -12.23 10.61 -6.34
C PHE A 184 -13.62 11.19 -6.53
N THR A 185 -13.80 12.45 -6.17
CA THR A 185 -15.00 13.19 -6.52
C THR A 185 -14.65 14.64 -6.77
N SER A 186 -15.49 15.34 -7.51
CA SER A 186 -15.27 16.77 -7.74
C SER A 186 -16.53 17.57 -7.46
N TYR A 187 -16.33 18.85 -7.11
CA TYR A 187 -17.36 19.74 -6.67
CA TYR A 187 -17.50 19.73 -6.78
C TYR A 187 -17.27 21.02 -7.48
C TYR A 187 -17.36 21.25 -6.96
N MET B 21 -13.39 25.06 2.46
CA MET B 21 -12.92 26.02 1.41
C MET B 21 -14.08 26.66 0.66
N SER B 22 -13.92 27.94 0.29
CA SER B 22 -14.97 28.70 -0.37
C SER B 22 -14.74 28.83 -1.88
N LEU B 23 -15.73 28.44 -2.67
CA LEU B 23 -15.62 28.52 -4.13
C LEU B 23 -15.64 29.96 -4.64
N ASP B 24 -16.13 30.90 -3.82
CA ASP B 24 -16.21 32.30 -4.24
C ASP B 24 -14.95 33.11 -3.94
N GLU B 25 -13.91 32.46 -3.40
CA GLU B 25 -12.65 33.14 -3.11
C GLU B 25 -11.57 32.56 -4.02
N ILE B 26 -10.78 33.44 -4.65
CA ILE B 26 -9.73 33.00 -5.58
C ILE B 26 -8.31 33.39 -5.16
N GLU B 27 -8.16 33.89 -3.95
CA GLU B 27 -6.84 34.19 -3.39
C GLU B 27 -6.07 32.89 -3.17
N ASP B 28 -4.77 32.94 -3.47
CA ASP B 28 -3.89 31.80 -3.26
C ASP B 28 -3.45 31.75 -1.80
N VAL B 29 -4.24 31.05 -1.00
CA VAL B 29 -4.03 30.95 0.44
C VAL B 29 -3.45 29.59 0.87
N TYR B 30 -3.04 28.81 -0.10
CA TYR B 30 -2.50 27.47 0.12
C TYR B 30 -1.38 27.51 1.16
N HIS B 31 -0.49 28.50 1.04
CA HIS B 31 0.69 28.59 1.90
C HIS B 31 0.34 28.85 3.36
N THR B 32 -0.91 29.23 3.66
CA THR B 32 -1.33 29.55 5.03
C THR B 32 -1.82 28.35 5.83
N ARG B 33 -1.94 27.19 5.21
CA ARG B 33 -2.65 26.08 5.84
C ARG B 33 -1.74 25.20 6.68
N PRO B 34 -2.32 24.49 7.65
CA PRO B 34 -1.53 23.57 8.46
C PRO B 34 -0.84 22.51 7.59
N GLY B 35 0.43 22.27 7.87
CA GLY B 35 1.22 21.28 7.15
C GLY B 35 1.92 21.82 5.93
N TYR B 36 1.65 23.06 5.51
CA TYR B 36 2.31 23.60 4.36
C TYR B 36 3.80 23.63 4.55
N ARG B 37 4.53 23.28 3.49
CA ARG B 37 5.98 23.30 3.48
C ARG B 37 6.52 24.43 2.62
N PRO B 38 7.20 25.41 3.23
CA PRO B 38 7.88 26.42 2.42
C PRO B 38 8.90 25.83 1.47
N GLU B 39 9.34 24.60 1.72
CA GLU B 39 10.24 23.86 0.84
C GLU B 39 9.57 23.31 -0.42
N GLU B 40 8.29 23.56 -0.62
CA GLU B 40 7.61 23.18 -1.84
C GLU B 40 8.40 23.56 -3.09
N TYR B 41 8.30 22.72 -4.11
CA TYR B 41 8.75 23.08 -5.45
C TYR B 41 7.49 23.20 -6.31
N ARG B 42 7.09 24.44 -6.58
CA ARG B 42 5.94 24.69 -7.42
C ARG B 42 6.40 25.02 -8.83
N TRP B 43 5.69 24.46 -9.81
CA TRP B 43 5.97 24.71 -11.20
C TRP B 43 4.70 24.47 -11.98
N GLY B 44 4.72 24.79 -13.27
CA GLY B 44 3.57 24.59 -14.13
C GLY B 44 3.53 25.60 -15.24
N GLN B 45 2.77 25.30 -16.27
CA GLN B 45 2.72 26.13 -17.45
C GLN B 45 1.72 27.26 -17.37
N GLY B 46 0.90 27.31 -16.32
CA GLY B 46 -0.08 28.37 -16.10
C GLY B 46 -1.41 28.08 -16.76
N GLY B 47 -2.40 28.93 -16.53
CA GLY B 47 -3.73 28.77 -17.08
C GLY B 47 -4.71 28.23 -16.07
N ALA B 48 -4.17 27.77 -14.93
CA ALA B 48 -4.98 27.38 -13.77
C ALA B 48 -4.06 27.44 -12.57
N LYS B 49 -4.62 27.62 -11.38
CA LYS B 49 -3.83 27.74 -10.16
C LYS B 49 -4.51 26.95 -9.05
N ILE B 50 -3.71 26.11 -8.38
CA ILE B 50 -4.16 25.43 -7.16
C ILE B 50 -3.98 26.45 -6.03
N ILE B 51 -5.09 26.96 -5.51
CA ILE B 51 -5.09 28.11 -4.63
C ILE B 51 -5.38 27.78 -3.18
N ASP B 52 -5.78 26.54 -2.88
CA ASP B 52 -6.02 26.16 -1.50
C ASP B 52 -6.06 24.64 -1.40
N TYR B 53 -5.95 24.14 -0.18
CA TYR B 53 -6.20 22.73 0.09
C TYR B 53 -6.84 22.58 1.45
N HIS B 54 -7.38 21.39 1.66
CA HIS B 54 -7.99 21.03 2.93
C HIS B 54 -7.74 19.54 3.17
N ILE B 55 -7.43 19.16 4.39
CA ILE B 55 -7.32 17.76 4.78
C ILE B 55 -8.24 17.56 5.96
N GLN B 56 -8.96 16.46 6.00
CA GLN B 56 -9.90 16.18 7.10
C GLN B 56 -10.01 14.70 7.34
N SER B 57 -10.24 14.31 8.58
CA SER B 57 -10.50 12.92 8.88
C SER B 57 -11.22 12.85 10.22
N ALA B 58 -12.21 11.98 10.31
CA ALA B 58 -12.88 11.63 11.57
C ALA B 58 -13.39 12.88 12.31
N GLY B 59 -13.92 13.83 11.54
CA GLY B 59 -14.53 15.03 12.07
C GLY B 59 -13.59 16.17 12.38
N VAL B 60 -12.32 16.04 12.04
CA VAL B 60 -11.32 17.05 12.37
C VAL B 60 -10.78 17.67 11.11
N ASP B 61 -10.81 18.98 11.07
CA ASP B 61 -10.15 19.75 10.02
C ASP B 61 -8.65 19.82 10.32
N PHE B 62 -7.81 19.48 9.36
CA PHE B 62 -6.36 19.49 9.51
C PHE B 62 -5.92 18.72 10.74
N PRO B 63 -6.22 17.43 10.81
CA PRO B 63 -5.76 16.63 11.96
C PRO B 63 -4.24 16.69 12.00
N PRO B 64 -3.67 16.73 13.19
CA PRO B 64 -2.22 16.82 13.27
C PRO B 64 -1.52 15.56 12.83
N SER B 65 -2.14 14.42 13.02
CA SER B 65 -1.66 13.18 12.44
C SER B 65 -2.76 12.43 11.74
N LEU B 66 -2.36 11.63 10.78
CA LEU B 66 -3.26 10.76 10.04
C LEU B 66 -3.03 9.33 10.48
N THR B 67 -3.99 8.45 10.21
CA THR B 67 -3.90 7.06 10.62
C THR B 67 -4.67 6.18 9.69
N GLY B 68 -4.48 4.88 9.81
CA GLY B 68 -5.16 3.95 8.93
C GLY B 68 -6.51 3.55 9.45
N ASN B 69 -7.21 2.73 8.68
CA ASN B 69 -8.51 2.13 9.08
C ASN B 69 -9.62 3.13 9.25
N GLN B 70 -9.46 4.28 8.61
CA GLN B 70 -10.49 5.29 8.53
C GLN B 70 -10.15 6.11 7.30
N GLN B 71 -11.13 6.80 6.76
CA GLN B 71 -10.89 7.60 5.58
C GLN B 71 -10.26 8.94 5.95
N THR B 72 -9.37 9.42 5.10
CA THR B 72 -8.94 10.81 5.10
C THR B 72 -9.30 11.40 3.74
N ASP B 73 -9.79 12.62 3.75
CA ASP B 73 -10.08 13.37 2.52
C ASP B 73 -9.01 14.42 2.29
N PHE B 74 -8.48 14.40 1.07
CA PHE B 74 -7.47 15.34 0.60
C PHE B 74 -8.13 16.18 -0.50
N LEU B 75 -8.37 17.46 -0.20
CA LEU B 75 -9.09 18.35 -1.10
C LEU B 75 -8.17 19.44 -1.61
N MET B 76 -8.32 19.75 -2.90
CA MET B 76 -7.58 20.84 -3.54
C MET B 76 -8.56 21.74 -4.27
N LYS B 77 -8.34 23.03 -4.19
CA LYS B 77 -9.18 24.01 -4.87
C LYS B 77 -8.39 24.67 -5.99
N VAL B 78 -9.01 24.75 -7.16
CA VAL B 78 -8.37 25.27 -8.36
C VAL B 78 -9.23 26.33 -9.00
N VAL B 79 -8.59 27.41 -9.45
CA VAL B 79 -9.25 28.38 -10.30
C VAL B 79 -8.69 28.23 -11.71
N PHE B 80 -9.59 28.20 -12.70
CA PHE B 80 -9.24 28.01 -14.11
C PHE B 80 -9.37 29.32 -14.85
N GLU B 81 -8.37 29.66 -15.64
CA GLU B 81 -8.33 30.94 -16.35
C GLU B 81 -8.79 30.84 -17.82
N TYR B 82 -9.04 29.63 -18.31
CA TYR B 82 -9.52 29.37 -19.67
C TYR B 82 -10.56 28.25 -19.61
N ASP B 83 -11.35 28.15 -20.67
CA ASP B 83 -12.14 26.94 -20.90
C ASP B 83 -11.19 25.78 -21.17
N PHE B 84 -11.49 24.61 -20.61
CA PHE B 84 -10.80 23.37 -20.96
C PHE B 84 -11.81 22.23 -21.04
N ASP B 85 -11.74 21.41 -22.08
CA ASP B 85 -12.63 20.25 -22.18
C ASP B 85 -12.29 19.11 -21.23
N CYS B 86 -11.02 19.04 -20.80
CA CYS B 86 -10.57 17.98 -19.92
C CYS B 86 -9.61 18.51 -18.92
N VAL B 87 -9.91 18.33 -17.64
CA VAL B 87 -8.98 18.67 -16.56
C VAL B 87 -8.77 17.43 -15.71
N VAL B 88 -7.53 17.25 -15.26
CA VAL B 88 -7.13 16.05 -14.51
C VAL B 88 -6.31 16.51 -13.28
N PRO B 89 -6.95 16.53 -12.12
CA PRO B 89 -6.23 16.70 -10.86
C PRO B 89 -5.49 15.44 -10.47
N GLY B 90 -4.40 15.62 -9.70
CA GLY B 90 -3.64 14.48 -9.21
C GLY B 90 -3.05 14.70 -7.85
N ILE B 91 -2.64 13.59 -7.26
CA ILE B 91 -2.04 13.58 -5.93
C ILE B 91 -0.85 12.65 -5.96
N LEU B 92 0.17 12.97 -5.16
CA LEU B 92 1.34 12.11 -5.01
C LEU B 92 1.76 12.10 -3.54
N ILE B 93 2.11 10.93 -3.03
CA ILE B 93 2.69 10.75 -1.68
C ILE B 93 4.05 10.08 -1.84
N LYS B 94 5.04 10.69 -1.20
CA LYS B 94 6.40 10.20 -1.18
C LYS B 94 6.86 9.99 0.25
N THR B 95 7.91 9.19 0.43
CA THR B 95 8.61 9.16 1.71
C THR B 95 9.35 10.46 1.90
N LEU B 96 9.71 10.74 3.14
CA LEU B 96 10.42 11.97 3.47
C LEU B 96 11.71 12.07 2.66
N ASP B 97 12.37 10.93 2.42
CA ASP B 97 13.61 10.89 1.64
C ASP B 97 13.39 10.78 0.12
N GLY B 98 12.15 10.90 -0.33
CA GLY B 98 11.87 11.11 -1.76
C GLY B 98 11.43 9.91 -2.58
N LEU B 99 11.20 8.77 -1.93
CA LEU B 99 10.75 7.57 -2.64
C LEU B 99 9.30 7.72 -3.03
N PHE B 100 8.94 7.48 -4.29
CA PHE B 100 7.54 7.60 -4.74
C PHE B 100 6.78 6.40 -4.20
N LEU B 101 5.78 6.67 -3.38
CA LEU B 101 4.96 5.62 -2.82
C LEU B 101 3.69 5.42 -3.60
N TYR B 102 2.92 6.49 -3.80
CA TYR B 102 1.60 6.39 -4.43
C TYR B 102 1.20 7.69 -5.07
N GLY B 103 0.90 7.63 -6.34
CA GLY B 103 0.33 8.76 -7.03
C GLY B 103 -0.82 8.32 -7.87
N THR B 104 -1.87 9.12 -7.97
CA THR B 104 -2.98 8.85 -8.80
C THR B 104 -3.58 10.17 -9.30
N ASN B 105 -4.61 10.05 -10.13
CA ASN B 105 -5.26 11.20 -10.69
C ASN B 105 -6.70 10.86 -11.00
N SER B 106 -7.48 11.84 -11.44
CA SER B 106 -8.88 11.58 -11.70
C SER B 106 -9.12 10.51 -12.81
N PHE B 107 -8.24 10.44 -13.80
CA PHE B 107 -8.37 9.45 -14.89
C PHE B 107 -8.22 8.05 -14.32
N LEU B 108 -7.28 7.83 -13.40
CA LEU B 108 -7.05 6.51 -12.79
C LEU B 108 -8.03 6.18 -11.68
N ALA B 109 -8.41 7.16 -10.87
CA ALA B 109 -9.18 6.95 -9.64
C ALA B 109 -10.69 7.06 -9.74
N SER B 110 -11.19 7.69 -10.80
CA SER B 110 -12.61 7.88 -10.96
C SER B 110 -13.27 6.58 -11.35
N GLU B 111 -14.48 6.37 -10.84
CA GLU B 111 -15.31 5.26 -11.29
C GLU B 111 -15.80 5.50 -12.72
N GLY B 112 -16.31 6.71 -12.97
CA GLY B 112 -16.74 7.11 -14.30
C GLY B 112 -15.58 7.52 -15.18
N ARG B 113 -15.82 7.50 -16.49
CA ARG B 113 -14.79 7.77 -17.47
C ARG B 113 -14.98 9.12 -18.17
N GLU B 114 -15.95 9.92 -17.72
CA GLU B 114 -16.23 11.20 -18.36
C GLU B 114 -15.12 12.21 -18.05
N ASN B 115 -14.80 13.05 -19.04
CA ASN B 115 -13.93 14.20 -18.82
C ASN B 115 -14.58 15.18 -17.85
N ILE B 116 -13.77 15.79 -17.00
CA ILE B 116 -14.18 16.97 -16.22
C ILE B 116 -13.89 18.17 -17.08
N SER B 117 -14.91 18.94 -17.44
CA SER B 117 -14.75 20.16 -18.24
C SER B 117 -14.93 21.39 -17.35
N VAL B 118 -14.29 22.48 -17.73
CA VAL B 118 -14.41 23.73 -16.99
C VAL B 118 -14.51 24.89 -17.96
N SER B 119 -15.07 25.98 -17.45
CA SER B 119 -15.12 27.24 -18.14
C SER B 119 -14.21 28.25 -17.48
N ARG B 120 -13.76 29.21 -18.28
CA ARG B 120 -12.96 30.33 -17.80
C ARG B 120 -13.57 30.92 -16.55
N GLY B 121 -12.76 31.09 -15.52
CA GLY B 121 -13.20 31.67 -14.25
C GLY B 121 -13.73 30.67 -13.25
N ASP B 122 -13.96 29.42 -13.66
CA ASP B 122 -14.52 28.44 -12.74
C ASP B 122 -13.55 28.13 -11.59
N VAL B 123 -14.11 27.93 -10.41
CA VAL B 123 -13.39 27.48 -9.23
C VAL B 123 -13.98 26.12 -8.87
N ARG B 124 -13.12 25.13 -8.74
CA ARG B 124 -13.55 23.76 -8.46
C ARG B 124 -12.77 23.18 -7.30
N VAL B 125 -13.39 22.27 -6.57
CA VAL B 125 -12.73 21.50 -5.55
C VAL B 125 -12.72 20.03 -5.95
N PHE B 126 -11.55 19.41 -5.83
CA PHE B 126 -11.34 18.01 -6.16
C PHE B 126 -10.94 17.27 -4.89
N LYS B 127 -11.54 16.12 -4.67
CA LYS B 127 -11.40 15.39 -3.42
C LYS B 127 -10.92 13.98 -3.69
N PHE B 128 -9.78 13.63 -3.09
CA PHE B 128 -9.26 12.27 -3.10
C PHE B 128 -9.46 11.70 -1.69
N SER B 129 -10.12 10.57 -1.57
CA SER B 129 -10.41 9.96 -0.27
C SER B 129 -9.75 8.59 -0.19
N LEU B 130 -9.02 8.32 0.87
CA LEU B 130 -8.33 7.07 0.99
C LEU B 130 -8.00 6.83 2.45
N PRO B 131 -7.83 5.56 2.86
CA PRO B 131 -7.34 5.26 4.20
C PRO B 131 -5.82 5.29 4.21
N VAL B 132 -5.26 6.06 5.12
CA VAL B 132 -3.83 6.27 5.17
C VAL B 132 -3.18 5.14 5.95
N ASP B 133 -3.16 3.97 5.31
CA ASP B 133 -2.69 2.71 5.89
C ASP B 133 -1.18 2.56 5.78
N LEU B 134 -0.48 3.63 6.08
CA LEU B 134 0.99 3.70 6.05
C LEU B 134 1.58 3.49 7.42
N ASN B 135 2.80 2.99 7.47
CA ASN B 135 3.49 2.90 8.76
C ASN B 135 3.74 4.31 9.31
N SER B 136 3.91 4.37 10.63
CA SER B 136 4.19 5.66 11.27
C SER B 136 5.41 6.32 10.66
N GLY B 137 5.34 7.63 10.53
CA GLY B 137 6.42 8.42 9.95
C GLY B 137 5.91 9.67 9.31
N ASP B 138 6.81 10.36 8.62
CA ASP B 138 6.45 11.58 7.88
C ASP B 138 6.52 11.27 6.41
N TYR B 139 5.61 11.88 5.67
CA TYR B 139 5.45 11.70 4.23
C TYR B 139 5.20 13.05 3.60
N LEU B 140 5.55 13.13 2.32
CA LEU B 140 5.40 14.34 1.55
C LEU B 140 4.25 14.23 0.56
N LEU B 141 3.34 15.21 0.58
CA LEU B 141 2.18 15.24 -0.29
C LEU B 141 2.34 16.35 -1.34
N SER B 142 1.91 16.00 -2.55
CA SER B 142 1.84 16.90 -3.69
C SER B 142 0.45 16.89 -4.29
N PHE B 143 0.03 18.06 -4.80
CA PHE B 143 -1.17 18.17 -5.62
C PHE B 143 -0.79 18.75 -6.99
N GLY B 144 -1.50 18.35 -8.05
CA GLY B 144 -1.26 18.92 -9.36
C GLY B 144 -2.55 19.02 -10.13
N ILE B 145 -2.51 19.85 -11.17
CA ILE B 145 -3.63 19.98 -12.09
C ILE B 145 -3.07 20.09 -13.50
N SER B 146 -3.62 19.28 -14.40
CA SER B 146 -3.36 19.30 -15.84
C SER B 146 -4.68 19.58 -16.57
N ALA B 147 -4.56 20.09 -17.78
CA ALA B 147 -5.73 20.36 -18.61
C ALA B 147 -5.41 20.34 -20.08
N GLY B 148 -6.44 20.19 -20.89
CA GLY B 148 -6.30 20.11 -22.34
C GLY B 148 -7.56 19.63 -23.00
N ASN B 149 -7.37 19.05 -24.18
CA ASN B 149 -8.48 18.65 -25.07
C ASN B 149 -8.13 17.34 -25.72
N PRO B 150 -9.14 16.46 -25.92
CA PRO B 150 -8.88 15.21 -26.65
C PRO B 150 -8.18 15.35 -27.99
N GLN B 151 -8.45 16.45 -28.71
CA GLN B 151 -7.88 16.62 -30.06
C GLN B 151 -6.53 17.30 -30.03
N THR B 152 -6.04 17.66 -28.85
CA THR B 152 -4.69 18.23 -28.71
C THR B 152 -3.92 17.36 -27.74
N ASP B 153 -3.81 17.78 -26.50
CA ASP B 153 -2.95 17.11 -25.52
C ASP B 153 -3.25 17.68 -24.14
N MET B 154 -2.76 17.01 -23.11
CA MET B 154 -2.83 17.46 -21.72
C MET B 154 -1.51 18.10 -21.30
N THR B 155 -1.61 19.14 -20.47
CA THR B 155 -0.44 19.93 -20.04
C THR B 155 -0.54 20.25 -18.55
N PRO B 156 0.58 20.13 -17.80
CA PRO B 156 0.57 20.48 -16.37
C PRO B 156 0.48 21.97 -16.18
N LEU B 157 -0.60 22.43 -15.57
CA LEU B 157 -0.83 23.84 -15.39
C LEU B 157 -0.27 24.40 -14.08
N ASP B 158 -0.40 23.63 -13.01
CA ASP B 158 0.15 23.99 -11.71
C ASP B 158 0.43 22.70 -10.97
N ARG B 159 1.58 22.62 -10.36
CA ARG B 159 2.03 21.44 -9.63
C ARG B 159 2.70 21.93 -8.35
N ARG B 160 2.18 21.51 -7.22
CA ARG B 160 2.70 21.96 -5.95
C ARG B 160 3.35 20.77 -5.26
N TYR B 161 4.60 20.56 -5.62
CA TYR B 161 5.31 19.32 -5.31
C TYR B 161 5.92 19.38 -3.93
N ASP B 162 5.73 18.30 -3.18
CA ASP B 162 6.29 18.16 -1.83
C ASP B 162 5.91 19.38 -1.01
N SER B 163 4.65 19.79 -1.12
CA SER B 163 4.18 21.05 -0.57
C SER B 163 3.48 20.92 0.77
N ILE B 164 3.24 19.69 1.21
CA ILE B 164 2.53 19.46 2.47
C ILE B 164 3.21 18.29 3.20
N ILE B 165 3.44 18.43 4.50
CA ILE B 165 3.98 17.34 5.31
C ILE B 165 2.84 16.61 5.97
N LEU B 166 2.86 15.28 5.94
CA LEU B 166 1.89 14.44 6.58
C LEU B 166 2.59 13.65 7.69
N HIS B 167 2.07 13.74 8.90
CA HIS B 167 2.53 12.93 10.02
C HIS B 167 1.57 11.78 10.19
N VAL B 168 2.08 10.55 10.16
CA VAL B 168 1.25 9.36 10.30
C VAL B 168 1.58 8.66 11.59
N THR B 169 0.53 8.29 12.30
CA THR B 169 0.65 7.45 13.52
C THR B 169 -0.25 6.24 13.32
N LYS B 170 0.32 5.07 13.09
CA LYS B 170 -0.49 3.91 12.74
C LYS B 170 -1.43 3.52 13.87
N SER B 171 -2.55 2.91 13.50
CA SER B 171 -3.52 2.48 14.49
C SER B 171 -3.71 0.97 14.53
N MET B 172 -2.96 0.25 13.69
CA MET B 172 -2.92 -1.19 13.68
C MET B 172 -1.44 -1.61 13.79
N ASP B 173 -1.23 -2.83 14.23
CA ASP B 173 0.10 -3.38 14.32
C ASP B 173 0.43 -4.16 13.05
N PHE B 174 1.47 -3.72 12.36
CA PHE B 174 1.98 -4.32 11.13
C PHE B 174 3.37 -3.78 10.91
N TRP B 175 4.11 -4.43 10.05
CA TRP B 175 5.43 -4.00 9.67
C TRP B 175 5.45 -3.61 8.21
N GLY B 176 6.49 -2.87 7.82
CA GLY B 176 6.63 -2.41 6.44
C GLY B 176 5.89 -1.12 6.19
N VAL B 177 6.04 -0.58 4.99
CA VAL B 177 5.47 0.74 4.72
C VAL B 177 3.96 0.75 4.61
N ILE B 178 3.34 -0.32 4.11
CA ILE B 178 1.88 -0.34 3.93
C ILE B 178 1.23 -1.52 4.67
N ASP B 179 0.11 -1.26 5.32
CA ASP B 179 -0.69 -2.30 5.94
C ASP B 179 -1.55 -2.96 4.86
N LEU B 180 -1.17 -4.16 4.41
CA LEU B 180 -1.94 -4.91 3.42
C LEU B 180 -3.09 -5.69 4.07
N LYS B 181 -3.23 -5.65 5.38
CA LYS B 181 -4.43 -6.16 6.05
C LYS B 181 -4.69 -7.62 5.81
N SER B 182 -3.65 -8.44 5.92
CA SER B 182 -3.80 -9.87 5.76
C SER B 182 -4.76 -10.48 6.78
N SER B 183 -5.54 -11.45 6.34
CA SER B 183 -6.20 -12.36 7.24
C SER B 183 -5.28 -13.53 7.51
N PHE B 184 -5.57 -14.28 8.56
CA PHE B 184 -4.80 -15.46 8.92
C PHE B 184 -5.72 -16.61 9.29
N THR B 185 -5.43 -17.80 8.78
CA THR B 185 -6.17 -19.01 9.12
C THR B 185 -5.20 -20.15 9.35
N SER B 186 -5.55 -20.99 10.31
CA SER B 186 -4.87 -22.22 10.67
C SER B 186 -5.86 -23.38 10.59
#